data_4KNQ
#
_entry.id   4KNQ
#
_cell.length_a   91.217
_cell.length_b   91.217
_cell.length_c   147.815
_cell.angle_alpha   90.000
_cell.angle_beta   90.000
_cell.angle_gamma   120.000
#
_symmetry.space_group_name_H-M   'H 3 2'
#
loop_
_entity.id
_entity.type
_entity.pdbx_description
1 polymer "5'-R(P*CP*CP*GP*CP*CP*GP*CP*CP*GP*CP*CP*GP*CP*CP*GP*CP*CP*GP*CP*G)-3'"
2 polymer 'RNA silencing suppressor p19'
3 non-polymer 'SULFATE ION'
4 water water
#
loop_
_entity_poly.entity_id
_entity_poly.type
_entity_poly.pdbx_seq_one_letter_code
_entity_poly.pdbx_strand_id
1 'polyribonucleotide' CCGCCGCCGCCGCCGCCGCG B
2 'polypeptide(L)'
;GSHMTSPFKLPDESPSWTEWRLHNDETNSNQDNPLGFKESWGFGKVVFKRYLRYDRTEASLHRVLGSWTGDSVNYAASRF
FGFDQIGCTYSIRFRGVSITVSGGSRTLQHLCEMAIRSKQELLQLAP
;
A
#
# COMPACT_ATOMS: atom_id res chain seq x y z
N HIS B 3 -17.84 -0.13 -11.01
CA HIS B 3 -16.83 -0.76 -10.10
C HIS B 3 -15.46 -0.68 -10.80
N MET B 4 -14.64 0.23 -10.30
CA MET B 4 -13.29 0.40 -10.84
C MET B 4 -12.45 -0.84 -10.47
N THR B 5 -11.49 -1.15 -11.32
CA THR B 5 -10.67 -2.31 -11.07
C THR B 5 -9.50 -1.90 -10.15
N SER B 6 -9.39 -2.56 -9.04
CA SER B 6 -8.36 -2.23 -8.02
C SER B 6 -7.01 -2.77 -8.40
N PRO B 7 -5.91 -2.08 -7.95
CA PRO B 7 -4.60 -2.67 -8.08
C PRO B 7 -4.33 -3.73 -7.03
N PHE B 8 -5.19 -3.80 -6.02
CA PHE B 8 -4.96 -4.72 -4.82
C PHE B 8 -5.53 -6.11 -5.04
N LYS B 9 -4.86 -7.08 -4.47
CA LYS B 9 -5.22 -8.48 -4.54
C LYS B 9 -5.76 -9.01 -3.24
N LEU B 10 -5.72 -8.19 -2.14
CA LEU B 10 -6.28 -8.54 -0.88
C LEU B 10 -7.25 -7.46 -0.50
N PRO B 11 -8.31 -7.82 0.21
CA PRO B 11 -9.31 -6.90 0.58
C PRO B 11 -8.87 -5.98 1.73
N ASP B 12 -9.55 -4.86 1.93
CA ASP B 12 -9.29 -3.97 3.03
C ASP B 12 -9.57 -4.60 4.37
N GLU B 13 -8.75 -4.30 5.37
CA GLU B 13 -8.91 -4.84 6.72
C GLU B 13 -8.96 -3.73 7.78
N SER B 14 -9.51 -2.56 7.43
CA SER B 14 -9.56 -1.47 8.40
C SER B 14 -10.28 -1.88 9.67
N PRO B 15 -9.70 -1.57 10.81
CA PRO B 15 -10.43 -1.93 12.04
C PRO B 15 -11.63 -1.06 12.29
N SER B 16 -12.67 -1.62 12.91
CA SER B 16 -13.78 -0.86 13.39
C SER B 16 -13.31 0.06 14.56
N TRP B 17 -14.11 1.03 14.82
CA TRP B 17 -13.80 1.96 15.95
C TRP B 17 -13.63 1.17 17.28
N THR B 18 -14.54 0.21 17.51
CA THR B 18 -14.45 -0.60 18.72
C THR B 18 -13.25 -1.50 18.76
N GLU B 19 -12.90 -2.18 17.64
CA GLU B 19 -11.65 -2.92 17.66
C GLU B 19 -10.47 -2.08 17.99
N TRP B 20 -10.36 -0.93 17.36
CA TRP B 20 -9.18 -0.08 17.54
C TRP B 20 -9.10 0.33 19.07
N ARG B 21 -10.23 0.72 19.65
CA ARG B 21 -10.29 1.09 21.13
C ARG B 21 -9.83 -0.06 22.04
N LEU B 22 -10.28 -1.27 21.72
CA LEU B 22 -9.90 -2.43 22.45
C LEU B 22 -8.46 -2.70 22.34
N HIS B 23 -7.90 -2.53 21.14
CA HIS B 23 -6.49 -2.74 20.89
C HIS B 23 -5.66 -1.68 21.69
N ASN B 24 -6.16 -0.48 21.60
CA ASN B 24 -5.51 0.64 22.33
C ASN B 24 -5.43 0.43 23.83
N ASP B 25 -6.52 -0.04 24.43
CA ASP B 25 -6.57 -0.39 25.86
C ASP B 25 -5.62 -1.50 26.27
N GLU B 26 -5.28 -2.39 25.35
CA GLU B 26 -4.47 -3.54 25.68
C GLU B 26 -3.00 -3.51 25.21
N THR B 27 -2.55 -2.43 24.58
CA THR B 27 -1.12 -2.31 24.18
C THR B 27 -0.37 -1.14 24.88
N GLN B 31 1.33 4.80 18.22
CA GLN B 31 1.67 3.40 18.30
C GLN B 31 2.93 3.01 17.45
N ASP B 32 3.88 2.36 18.13
CA ASP B 32 4.86 1.41 17.52
C ASP B 32 4.39 -0.06 17.51
N ASN B 33 3.20 -0.31 18.09
CA ASN B 33 2.48 -1.58 17.91
C ASN B 33 1.02 -1.43 17.34
N PRO B 34 0.93 -0.84 16.15
CA PRO B 34 -0.36 -0.76 15.50
C PRO B 34 -0.88 -2.11 15.04
N LEU B 35 -2.14 -2.08 14.65
CA LEU B 35 -2.81 -3.26 14.11
C LEU B 35 -2.26 -3.63 12.75
N GLY B 36 -1.71 -2.63 12.03
CA GLY B 36 -1.19 -2.90 10.71
C GLY B 36 -0.75 -1.58 10.09
N PHE B 37 -0.77 -1.53 8.77
CA PHE B 37 -0.25 -0.33 8.04
C PHE B 37 -1.26 0.05 6.98
N LYS B 38 -1.08 1.26 6.47
CA LYS B 38 -1.91 1.77 5.40
C LYS B 38 -1.11 2.00 4.16
N GLU B 39 -1.70 1.67 2.98
CA GLU B 39 -1.01 1.90 1.74
C GLU B 39 -2.06 2.33 0.71
N SER B 40 -1.59 3.00 -0.30
CA SER B 40 -2.51 3.52 -1.36
C SER B 40 -1.80 3.58 -2.67
N TRP B 41 -2.54 3.43 -3.78
CA TRP B 41 -2.07 3.67 -5.10
C TRP B 41 -2.98 4.68 -5.79
N GLY B 42 -2.39 5.73 -6.39
CA GLY B 42 -3.20 6.78 -7.08
C GLY B 42 -2.75 6.81 -8.52
N PHE B 43 -3.76 6.93 -9.42
CA PHE B 43 -3.51 7.05 -10.86
C PHE B 43 -4.35 8.23 -11.33
N GLY B 44 -3.71 9.34 -11.69
CA GLY B 44 -4.43 10.61 -11.99
C GLY B 44 -5.22 10.99 -10.77
N LYS B 45 -6.53 11.10 -10.89
CA LYS B 45 -7.36 11.55 -9.79
C LYS B 45 -7.91 10.44 -8.93
N VAL B 46 -7.66 9.20 -9.30
CA VAL B 46 -8.30 8.11 -8.63
C VAL B 46 -7.32 7.49 -7.59
N VAL B 47 -7.78 7.27 -6.35
CA VAL B 47 -6.96 6.65 -5.29
C VAL B 47 -7.66 5.43 -4.76
N PHE B 48 -6.91 4.33 -4.69
CA PHE B 48 -7.32 3.05 -4.06
C PHE B 48 -6.50 2.87 -2.77
N LYS B 49 -7.17 2.48 -1.71
CA LYS B 49 -6.51 2.39 -0.36
C LYS B 49 -6.72 1.09 0.30
N ARG B 50 -5.72 0.67 1.14
CA ARG B 50 -5.81 -0.54 1.94
C ARG B 50 -5.25 -0.28 3.31
N TYR B 51 -5.96 -0.77 4.34
CA TYR B 51 -5.37 -1.02 5.66
C TYR B 51 -5.19 -2.53 5.75
N LEU B 52 -3.98 -2.96 6.08
CA LEU B 52 -3.67 -4.39 6.15
C LEU B 52 -3.03 -4.72 7.48
N ARG B 53 -3.49 -5.82 8.07
CA ARG B 53 -2.88 -6.24 9.35
C ARG B 53 -1.54 -6.83 9.17
N TYR B 54 -0.63 -6.51 10.11
CA TYR B 54 0.69 -6.88 9.99
C TYR B 54 1.24 -6.98 11.42
N ASP B 55 1.85 -8.08 11.68
CA ASP B 55 2.39 -8.33 13.05
C ASP B 55 3.89 -8.50 13.15
N ARG B 56 4.61 -8.09 12.12
CA ARG B 56 6.08 -8.06 12.16
C ARG B 56 6.68 -9.45 12.18
N THR B 57 5.98 -10.48 11.73
CA THR B 57 6.55 -11.81 11.52
C THR B 57 6.88 -12.02 10.08
N GLU B 58 7.67 -13.03 9.77
CA GLU B 58 7.99 -13.36 8.38
C GLU B 58 6.79 -13.83 7.57
N ALA B 59 5.88 -14.61 8.20
CA ALA B 59 4.70 -15.09 7.51
C ALA B 59 3.81 -13.86 7.15
N SER B 60 3.65 -13.01 8.11
CA SER B 60 2.82 -11.81 7.89
C SER B 60 3.40 -10.90 6.85
N LEU B 61 4.72 -10.74 6.84
CA LEU B 61 5.38 -9.92 5.83
C LEU B 61 5.13 -10.48 4.48
N HIS B 62 5.25 -11.81 4.34
CA HIS B 62 5.08 -12.45 3.04
C HIS B 62 3.63 -12.20 2.59
N ARG B 63 2.68 -12.39 3.49
CA ARG B 63 1.22 -12.18 3.13
C ARG B 63 0.96 -10.78 2.59
N VAL B 64 1.43 -9.77 3.31
CA VAL B 64 1.15 -8.36 2.88
C VAL B 64 1.95 -7.84 1.72
N LEU B 65 3.11 -8.43 1.43
CA LEU B 65 3.85 -8.12 0.24
C LEU B 65 3.09 -8.58 -0.99
N GLY B 66 2.15 -9.51 -0.79
CA GLY B 66 1.31 -9.99 -1.92
C GLY B 66 0.08 -9.13 -2.22
N SER B 67 -0.09 -7.99 -1.52
CA SER B 67 -1.30 -7.22 -1.74
C SER B 67 -1.39 -6.61 -3.06
N TRP B 68 -0.25 -6.43 -3.76
CA TRP B 68 -0.26 -5.96 -5.14
C TRP B 68 1.03 -6.41 -5.79
N THR B 69 1.02 -6.48 -7.10
CA THR B 69 2.17 -6.84 -7.92
C THR B 69 2.33 -5.81 -9.01
N GLY B 70 3.46 -5.84 -9.71
CA GLY B 70 3.60 -4.99 -10.91
C GLY B 70 2.49 -5.21 -11.93
N ASP B 71 2.12 -6.47 -12.12
CA ASP B 71 1.01 -6.81 -13.02
C ASP B 71 -0.35 -6.26 -12.60
N SER B 72 -0.71 -6.43 -11.31
CA SER B 72 -1.97 -5.93 -10.81
C SER B 72 -2.02 -4.42 -10.86
N VAL B 73 -0.91 -3.70 -10.53
CA VAL B 73 -0.85 -2.28 -10.66
C VAL B 73 -1.00 -1.78 -12.11
N ASN B 74 -0.32 -2.45 -13.02
CA ASN B 74 -0.35 -2.12 -14.41
C ASN B 74 -1.79 -2.29 -14.98
N TYR B 75 -2.43 -3.36 -14.57
CA TYR B 75 -3.76 -3.60 -15.05
C TYR B 75 -4.71 -2.51 -14.62
N ALA B 76 -4.69 -2.18 -13.31
CA ALA B 76 -5.57 -1.16 -12.78
C ALA B 76 -5.25 0.23 -13.37
N ALA B 77 -3.97 0.59 -13.46
CA ALA B 77 -3.54 1.86 -13.88
C ALA B 77 -3.83 2.15 -15.37
N SER B 78 -3.65 1.13 -16.18
CA SER B 78 -3.78 1.28 -17.66
C SER B 78 -5.24 1.64 -18.08
N ARG B 79 -6.23 1.32 -17.25
CA ARG B 79 -7.60 1.84 -17.42
C ARG B 79 -7.65 3.37 -17.61
N PHE B 80 -6.69 4.10 -17.00
CA PHE B 80 -6.68 5.57 -16.91
C PHE B 80 -5.69 6.25 -17.86
N PHE B 81 -5.00 5.49 -18.71
CA PHE B 81 -3.90 6.06 -19.52
C PHE B 81 -4.52 6.72 -20.79
N GLY B 82 -3.98 7.88 -21.19
CA GLY B 82 -4.42 8.63 -22.41
C GLY B 82 -3.21 9.02 -23.27
N PHE B 83 -3.36 10.06 -24.10
CA PHE B 83 -2.22 10.49 -24.95
C PHE B 83 -1.10 11.01 -24.00
N ASP B 84 -1.50 11.87 -23.07
CA ASP B 84 -0.57 12.40 -22.09
C ASP B 84 -0.24 11.33 -21.02
N GLN B 85 0.87 11.58 -20.33
CA GLN B 85 1.25 10.79 -19.22
C GLN B 85 0.37 11.27 -18.07
N ILE B 86 0.03 10.34 -17.17
CA ILE B 86 -0.61 10.74 -15.91
C ILE B 86 0.35 10.44 -14.68
N GLY B 87 0.09 11.13 -13.59
CA GLY B 87 0.80 11.01 -12.34
C GLY B 87 0.34 9.73 -11.64
N CYS B 88 1.31 8.93 -11.18
CA CYS B 88 1.07 7.74 -10.43
C CYS B 88 1.84 7.82 -9.11
N THR B 89 1.20 7.38 -8.02
CA THR B 89 1.77 7.49 -6.74
C THR B 89 1.43 6.33 -5.85
N TYR B 90 2.42 5.74 -5.23
CA TYR B 90 2.27 4.73 -4.19
C TYR B 90 2.64 5.42 -2.85
N SER B 91 1.84 5.24 -1.84
CA SER B 91 2.20 5.70 -0.48
C SER B 91 2.01 4.62 0.52
N ILE B 92 2.85 4.58 1.54
CA ILE B 92 2.69 3.65 2.65
C ILE B 92 3.08 4.40 3.96
N ARG B 93 2.37 4.10 5.03
CA ARG B 93 2.64 4.63 6.37
C ARG B 93 2.66 3.52 7.39
N PHE B 94 3.74 3.45 8.17
CA PHE B 94 3.83 2.46 9.23
C PHE B 94 4.70 3.04 10.33
N ARG B 95 4.17 3.03 11.55
CA ARG B 95 4.89 3.52 12.70
C ARG B 95 5.46 4.98 12.59
N GLY B 96 4.64 5.91 12.18
CA GLY B 96 4.99 7.27 12.14
C GLY B 96 5.76 7.72 10.90
N VAL B 97 6.13 6.80 10.01
CA VAL B 97 6.92 7.18 8.83
C VAL B 97 6.05 6.88 7.59
N SER B 98 5.96 7.87 6.70
CA SER B 98 5.34 7.70 5.39
C SER B 98 6.36 7.74 4.28
N ILE B 99 6.18 6.89 3.28
CA ILE B 99 7.02 6.85 2.07
C ILE B 99 6.10 6.99 0.90
N THR B 100 6.40 7.86 -0.04
CA THR B 100 5.65 8.00 -1.23
C THR B 100 6.59 7.83 -2.43
N VAL B 101 6.16 7.09 -3.44
CA VAL B 101 6.96 6.88 -4.62
C VAL B 101 6.09 7.34 -5.76
N SER B 102 6.56 8.30 -6.55
CA SER B 102 5.68 8.97 -7.52
C SER B 102 6.41 9.32 -8.83
N GLY B 103 5.64 9.37 -9.92
CA GLY B 103 6.20 9.78 -11.18
C GLY B 103 5.13 9.61 -12.20
N GLY B 104 5.51 9.73 -13.45
CA GLY B 104 4.58 9.56 -14.54
C GLY B 104 4.33 8.12 -14.95
N SER B 105 3.18 7.89 -15.63
CA SER B 105 2.82 6.54 -16.06
C SER B 105 3.78 5.87 -16.96
N ARG B 106 4.60 6.62 -17.73
CA ARG B 106 5.65 5.97 -18.50
C ARG B 106 6.68 5.28 -17.63
N THR B 107 6.83 5.72 -16.39
CA THR B 107 7.85 5.18 -15.51
C THR B 107 7.26 4.10 -14.58
N LEU B 108 6.03 3.61 -14.83
CA LEU B 108 5.29 2.80 -13.83
C LEU B 108 5.97 1.54 -13.39
N GLN B 109 6.70 0.90 -14.29
CA GLN B 109 7.36 -0.30 -13.96
C GLN B 109 8.42 0.00 -12.88
N HIS B 110 9.17 1.08 -13.11
CA HIS B 110 10.18 1.51 -12.16
C HIS B 110 9.57 1.97 -10.85
N LEU B 111 8.46 2.67 -10.92
CA LEU B 111 7.79 3.02 -9.72
C LEU B 111 7.41 1.83 -8.93
N CYS B 112 6.87 0.78 -9.59
CA CYS B 112 6.50 -0.40 -8.85
C CYS B 112 7.72 -1.06 -8.16
N GLU B 113 8.84 -1.15 -8.88
CA GLU B 113 10.13 -1.68 -8.28
C GLU B 113 10.55 -0.93 -7.04
N MET B 114 10.51 0.41 -7.08
CA MET B 114 10.89 1.20 -5.88
C MET B 114 9.82 1.06 -4.81
N ALA B 115 8.54 0.96 -5.21
CA ALA B 115 7.45 0.88 -4.23
C ALA B 115 7.58 -0.39 -3.41
N ILE B 116 7.79 -1.52 -4.06
CA ILE B 116 7.87 -2.77 -3.36
C ILE B 116 9.11 -2.87 -2.45
N ARG B 117 10.22 -2.28 -2.86
CA ARG B 117 11.43 -2.20 -2.03
C ARG B 117 11.21 -1.31 -0.85
N SER B 118 10.46 -0.22 -1.04
CA SER B 118 10.17 0.68 0.02
C SER B 118 9.28 0.05 1.08
N LYS B 119 8.26 -0.67 0.62
CA LYS B 119 7.35 -1.32 1.49
C LYS B 119 8.10 -2.36 2.32
N GLN B 120 8.88 -3.16 1.67
CA GLN B 120 9.68 -4.18 2.38
C GLN B 120 10.58 -3.59 3.44
N GLU B 121 11.31 -2.57 3.08
CA GLU B 121 12.20 -1.89 4.08
C GLU B 121 11.48 -1.25 5.22
N LEU B 122 10.36 -0.54 4.94
CA LEU B 122 9.67 0.15 6.01
C LEU B 122 9.04 -0.90 6.97
N LEU B 123 8.50 -1.99 6.38
CA LEU B 123 7.82 -3.01 7.25
C LEU B 123 8.84 -3.78 8.08
N GLN B 124 10.10 -3.80 7.62
CA GLN B 124 11.19 -4.45 8.40
C GLN B 124 12.08 -3.52 9.22
N LEU B 125 11.74 -2.25 9.31
CA LEU B 125 12.65 -1.25 9.92
C LEU B 125 12.77 -1.66 11.39
N ALA B 126 13.97 -1.48 11.96
CA ALA B 126 14.30 -2.10 13.26
C ALA B 126 13.28 -1.62 14.27
N PRO B 127 12.61 -2.56 15.00
CA PRO B 127 11.74 -2.18 16.12
C PRO B 127 11.94 -0.75 16.63
#